data_2VX5
#
_entry.id   2VX5
#
_cell.length_a   84.712
_cell.length_b   84.712
_cell.length_c   244.687
_cell.angle_alpha   90.00
_cell.angle_beta   90.00
_cell.angle_gamma   120.00
#
_symmetry.space_group_name_H-M   'P 61 2 2'
#
loop_
_entity.id
_entity.type
_entity.pdbx_description
1 polymer 'CELLVIBRIO JAPONICUS MANNANASE CJMAN26C'
2 non-polymer beta-D-mannopyranose
3 non-polymer 'SODIUM ION'
4 water water
#
_entity_poly.entity_id   1
_entity_poly.type   'polypeptide(L)'
_entity_poly.pdbx_seq_one_letter_code
;MSEKPAESAAAVADSATTTAPQSGKPETALPALIDTQATAETRALYRNLAKLRYKHLLFGHEDSLAYGVHWEGDMDRSDV
RDVTGANPAVYGWELGGLELGHTANLDAVNFEKMQHWIKAGYSRGGVITISWHVFNPVSGGNSWDKTPAVHELIPGGARH
ATLKAYLDTFVAFNEGLADVDAQGNKHYPPIIFRPWHEHNGDWFWWGKGHASEQDYIALWRFTVHYLRDEKKLRNLIYAY
SPDRSRIDMANFEAGYLYGYPGDAYVDIIGLDNYWDVGHEANTASADEQKAALTASLKQLVQIARSKGKIAALTETGNNR
LTIDNFWTERLLGPISADADASEIAYVMVWRNANLAREKSEQFFAPFPGQATADDFKRFYQSEVVLFEDELPPLYR
;
_entity_poly.pdbx_strand_id   A
#
# COMPACT_ATOMS: atom_id res chain seq x y z
N LEU A 30 8.26 -12.37 -15.92
CA LEU A 30 7.81 -13.79 -15.79
C LEU A 30 6.48 -13.86 -15.02
N PRO A 31 6.36 -13.11 -13.92
CA PRO A 31 5.02 -13.07 -13.34
C PRO A 31 4.02 -12.47 -14.32
N ALA A 32 2.79 -12.97 -14.26
CA ALA A 32 1.69 -12.48 -15.09
C ALA A 32 0.56 -11.94 -14.23
N LEU A 33 0.00 -10.82 -14.65
CA LEU A 33 -1.14 -10.22 -13.97
C LEU A 33 -2.39 -11.08 -14.05
N ILE A 34 -3.24 -10.99 -13.03
CA ILE A 34 -4.55 -11.65 -13.07
C ILE A 34 -5.48 -11.01 -14.10
N ASP A 35 -5.22 -9.77 -14.47
CA ASP A 35 -5.94 -9.16 -15.60
C ASP A 35 -5.13 -9.39 -16.86
N THR A 36 -5.58 -10.40 -17.62
CA THR A 36 -4.90 -10.80 -18.84
C THR A 36 -5.02 -9.74 -19.94
N GLN A 37 -5.86 -8.74 -19.71
CA GLN A 37 -6.10 -7.68 -20.69
C GLN A 37 -5.64 -6.33 -20.17
N ALA A 38 -4.83 -6.36 -19.11
CA ALA A 38 -4.33 -5.11 -18.51
C ALA A 38 -3.75 -4.18 -19.58
N THR A 39 -3.88 -2.88 -19.35
CA THR A 39 -3.35 -1.89 -20.28
C THR A 39 -1.84 -2.08 -20.44
N ALA A 40 -1.33 -1.58 -21.55
CA ALA A 40 0.09 -1.73 -21.84
C ALA A 40 0.96 -1.16 -20.70
N GLU A 41 0.52 -0.04 -20.15
CA GLU A 41 1.27 0.63 -19.08
C GLU A 41 1.22 -0.17 -17.80
N THR A 42 0.09 -0.83 -17.54
CA THR A 42 -0.08 -1.64 -16.32
C THR A 42 0.75 -2.91 -16.44
N ARG A 43 0.72 -3.53 -17.61
CA ARG A 43 1.52 -4.73 -17.87
C ARG A 43 3.00 -4.38 -17.75
N ALA A 44 3.38 -3.22 -18.29
CA ALA A 44 4.78 -2.78 -18.23
C ALA A 44 5.23 -2.57 -16.78
N LEU A 45 4.38 -1.93 -15.99
CA LEU A 45 4.76 -1.67 -14.60
C LEU A 45 5.06 -2.97 -13.87
N TYR A 46 4.17 -3.94 -14.03
CA TYR A 46 4.32 -5.21 -13.31
C TYR A 46 5.59 -5.91 -13.77
N ARG A 47 5.82 -5.91 -15.07
CA ARG A 47 7.01 -6.55 -15.65
C ARG A 47 8.29 -5.88 -15.16
N ASN A 48 8.26 -4.55 -15.10
CA ASN A 48 9.45 -3.79 -14.69
C ASN A 48 9.72 -3.92 -13.19
N LEU A 49 8.66 -3.99 -12.39
CA LEU A 49 8.84 -4.27 -10.97
C LEU A 49 9.47 -5.66 -10.79
N ALA A 50 9.06 -6.60 -11.63
CA ALA A 50 9.55 -7.97 -11.53
C ALA A 50 11.04 -8.02 -11.84
N LYS A 51 11.47 -7.13 -12.72
CA LYS A 51 12.88 -7.08 -13.14
C LYS A 51 13.74 -6.34 -12.13
N LEU A 52 13.20 -5.24 -11.61
CA LEU A 52 13.97 -4.33 -10.75
C LEU A 52 14.15 -4.86 -9.33
N ARG A 53 13.26 -5.76 -8.94
CA ARG A 53 13.17 -6.17 -7.52
C ARG A 53 14.44 -6.83 -7.00
N TYR A 54 15.22 -7.42 -7.88
CA TYR A 54 16.36 -8.21 -7.43
C TYR A 54 17.43 -7.31 -6.84
N LYS A 55 17.64 -6.16 -7.48
CA LYS A 55 18.75 -5.26 -7.12
C LYS A 55 18.29 -3.93 -6.53
N HIS A 56 16.99 -3.70 -6.55
CA HIS A 56 16.45 -2.41 -6.09
C HIS A 56 15.19 -2.53 -5.29
N LEU A 57 14.91 -1.42 -4.63
CA LEU A 57 13.79 -1.26 -3.73
C LEU A 57 13.20 0.11 -3.94
N LEU A 58 11.96 0.19 -4.39
CA LEU A 58 11.31 1.51 -4.55
C LEU A 58 10.80 2.00 -3.20
N PHE A 59 11.03 3.28 -2.91
CA PHE A 59 10.53 3.87 -1.68
C PHE A 59 9.21 4.56 -1.91
N GLY A 60 8.26 4.29 -1.02
CA GLY A 60 6.94 4.90 -1.05
C GLY A 60 6.58 5.66 0.21
N HIS A 61 5.68 6.63 0.03
CA HIS A 61 5.14 7.43 1.15
C HIS A 61 3.68 7.72 0.88
N GLU A 62 2.89 7.58 1.94
CA GLU A 62 1.45 7.83 1.90
C GLU A 62 1.13 9.32 1.98
N ASP A 63 0.19 9.75 1.15
CA ASP A 63 -0.32 11.14 1.13
C ASP A 63 0.81 12.16 0.96
N SER A 64 1.81 11.80 0.19
CA SER A 64 3.09 12.51 0.24
C SER A 64 3.00 13.93 -0.29
N LEU A 65 2.07 14.14 -1.21
CA LEU A 65 1.87 15.45 -1.85
C LEU A 65 0.75 16.26 -1.20
N ALA A 66 -0.01 15.63 -0.32
CA ALA A 66 -1.24 16.26 0.18
C ALA A 66 -0.96 17.27 1.30
N TYR A 67 0.02 16.93 2.13
CA TYR A 67 0.36 17.72 3.31
C TYR A 67 1.61 17.13 3.91
N GLY A 68 2.15 17.85 4.87
CA GLY A 68 3.26 17.38 5.70
C GLY A 68 2.97 17.73 7.13
N VAL A 69 3.93 17.45 8.01
CA VAL A 69 3.70 17.66 9.43
C VAL A 69 3.42 19.15 9.69
N HIS A 70 4.14 20.00 8.97
CA HIS A 70 4.13 21.46 9.26
C HIS A 70 3.61 22.32 8.11
N TRP A 71 2.98 21.71 7.13
CA TRP A 71 2.40 22.47 6.02
C TRP A 71 1.20 21.75 5.39
N GLU A 72 0.34 22.56 4.78
CA GLU A 72 -0.75 22.06 3.96
C GLU A 72 -1.28 23.19 3.09
N GLY A 73 -1.51 22.87 1.83
CA GLY A 73 -2.06 23.83 0.87
C GLY A 73 -1.28 23.89 -0.43
N ASP A 74 0.04 23.78 -0.31
CA ASP A 74 0.93 23.79 -1.48
C ASP A 74 0.50 22.69 -2.44
N MET A 75 0.39 23.02 -3.73
CA MET A 75 -0.06 22.04 -4.71
C MET A 75 1.05 21.19 -5.32
N ASP A 76 2.30 21.47 -4.96
CA ASP A 76 3.41 20.61 -5.39
C ASP A 76 4.56 20.60 -4.39
N ARG A 77 4.32 19.90 -3.29
CA ARG A 77 5.28 19.81 -2.20
C ARG A 77 5.19 18.45 -1.50
N SER A 78 6.30 18.03 -0.90
CA SER A 78 6.36 16.81 -0.10
C SER A 78 7.44 16.91 0.96
N ASP A 79 7.12 16.48 2.18
CA ASP A 79 8.15 16.39 3.22
C ASP A 79 9.36 15.60 2.72
N VAL A 80 9.10 14.56 1.95
CA VAL A 80 10.16 13.67 1.47
C VAL A 80 11.11 14.43 0.56
N ARG A 81 10.54 15.24 -0.32
CA ARG A 81 11.33 16.04 -1.26
C ARG A 81 12.05 17.17 -0.53
N ASP A 82 11.41 17.72 0.49
CA ASP A 82 12.02 18.82 1.23
C ASP A 82 13.30 18.35 1.91
N VAL A 83 13.34 17.07 2.27
CA VAL A 83 14.52 16.53 2.94
C VAL A 83 15.59 16.08 1.94
N THR A 84 15.16 15.37 0.89
CA THR A 84 16.11 14.66 0.01
C THR A 84 16.32 15.33 -1.35
N GLY A 85 15.41 16.22 -1.71
CA GLY A 85 15.38 16.78 -3.07
C GLY A 85 14.62 15.95 -4.07
N ALA A 86 14.13 14.79 -3.64
CA ALA A 86 13.39 13.87 -4.51
C ALA A 86 12.05 13.46 -3.92
N ASN A 87 11.08 13.26 -4.82
CA ASN A 87 9.79 12.67 -4.46
C ASN A 87 9.95 11.17 -4.19
N PRO A 88 9.04 10.56 -3.43
CA PRO A 88 9.03 9.11 -3.34
C PRO A 88 8.78 8.51 -4.71
N ALA A 89 9.26 7.29 -4.92
CA ALA A 89 8.98 6.55 -6.15
C ALA A 89 7.55 6.03 -6.20
N VAL A 90 7.03 5.66 -5.04
CA VAL A 90 5.67 5.16 -4.89
C VAL A 90 4.86 6.13 -4.04
N TYR A 91 3.71 6.50 -4.56
CA TYR A 91 2.77 7.40 -3.88
C TYR A 91 1.57 6.60 -3.44
N GLY A 92 1.35 6.54 -2.14
CA GLY A 92 0.15 5.94 -1.57
C GLY A 92 -0.93 6.95 -1.36
N TRP A 93 -2.16 6.54 -1.64
CA TRP A 93 -3.37 7.33 -1.45
C TRP A 93 -4.47 6.47 -0.85
N GLU A 94 -5.49 7.13 -0.33
CA GLU A 94 -6.48 6.50 0.53
C GLU A 94 -7.89 7.01 0.22
N LEU A 95 -8.81 6.09 -0.02
CA LEU A 95 -10.15 6.46 -0.52
C LEU A 95 -11.27 6.53 0.53
N GLY A 96 -11.00 6.17 1.78
CA GLY A 96 -12.08 6.13 2.77
C GLY A 96 -12.93 7.39 2.76
N GLY A 97 -14.22 7.20 2.58
CA GLY A 97 -15.18 8.31 2.51
C GLY A 97 -15.74 8.52 1.11
N LEU A 98 -14.97 8.09 0.12
CA LEU A 98 -15.39 8.19 -1.29
C LEU A 98 -16.73 7.52 -1.49
N GLU A 99 -16.90 6.40 -0.82
CA GLU A 99 -18.08 5.55 -0.99
C GLU A 99 -19.33 6.18 -0.40
N LEU A 100 -19.12 7.20 0.42
CA LEU A 100 -20.22 7.94 1.07
C LEU A 100 -20.54 9.23 0.32
N GLY A 101 -19.85 9.43 -0.80
CA GLY A 101 -20.06 10.62 -1.62
C GLY A 101 -19.40 11.87 -1.05
N HIS A 102 -18.48 11.68 -0.11
CA HIS A 102 -17.77 12.82 0.48
C HIS A 102 -16.83 13.49 -0.52
N THR A 103 -16.62 14.79 -0.35
CA THR A 103 -15.76 15.56 -1.24
C THR A 103 -14.29 15.37 -0.88
N ALA A 104 -14.06 14.92 0.35
CA ALA A 104 -12.70 14.64 0.85
C ALA A 104 -12.69 13.33 1.63
N ASN A 105 -11.52 12.70 1.72
CA ASN A 105 -11.41 11.41 2.41
C ASN A 105 -11.38 11.59 3.92
N LEU A 106 -11.18 10.47 4.62
CA LEU A 106 -11.32 10.48 6.08
C LEU A 106 -10.26 11.32 6.79
N ASP A 107 -9.21 11.70 6.06
CA ASP A 107 -8.14 12.55 6.59
C ASP A 107 -8.20 13.94 5.96
N ALA A 108 -9.35 14.25 5.38
CA ALA A 108 -9.63 15.57 4.78
C ALA A 108 -8.80 15.87 3.54
N VAL A 109 -8.38 14.81 2.84
CA VAL A 109 -7.73 14.99 1.54
C VAL A 109 -8.80 15.09 0.45
N ASN A 110 -8.88 16.26 -0.17
CA ASN A 110 -9.85 16.52 -1.22
C ASN A 110 -9.65 15.58 -2.40
N PHE A 111 -10.73 14.95 -2.87
CA PHE A 111 -10.61 13.92 -3.91
C PHE A 111 -10.20 14.48 -5.27
N GLU A 112 -10.66 15.69 -5.58
CA GLU A 112 -10.27 16.33 -6.84
C GLU A 112 -8.77 16.62 -6.83
N LYS A 113 -8.27 17.13 -5.69
CA LYS A 113 -6.85 17.37 -5.55
C LYS A 113 -6.08 16.05 -5.62
N MET A 114 -6.65 15.01 -5.02
CA MET A 114 -6.02 13.69 -5.04
C MET A 114 -5.85 13.20 -6.49
N GLN A 115 -6.87 13.40 -7.30
CA GLN A 115 -6.79 13.00 -8.70
C GLN A 115 -5.68 13.78 -9.40
N HIS A 116 -5.59 15.06 -9.09
CA HIS A 116 -4.53 15.90 -9.67
C HIS A 116 -3.14 15.40 -9.26
N TRP A 117 -3.00 15.07 -7.99
CA TRP A 117 -1.71 14.61 -7.46
C TRP A 117 -1.31 13.23 -8.02
N ILE A 118 -2.30 12.37 -8.20
CA ILE A 118 -2.05 11.05 -8.78
C ILE A 118 -1.56 11.23 -10.22
N LYS A 119 -2.26 12.07 -10.97
CA LYS A 119 -1.85 12.32 -12.35
C LYS A 119 -0.47 12.96 -12.42
N ALA A 120 -0.19 13.85 -11.48
CA ALA A 120 1.11 14.54 -11.47
C ALA A 120 2.24 13.56 -11.19
N GLY A 121 2.06 12.72 -10.17
CA GLY A 121 3.07 11.75 -9.81
C GLY A 121 3.32 10.76 -10.93
N TYR A 122 2.23 10.29 -11.53
CA TYR A 122 2.32 9.35 -12.65
C TYR A 122 3.04 9.99 -13.83
N SER A 123 2.75 11.26 -14.07
CA SER A 123 3.34 11.97 -15.21
C SER A 123 4.86 12.05 -15.07
N ARG A 124 5.34 12.00 -13.84
CA ARG A 124 6.77 12.06 -13.57
C ARG A 124 7.41 10.68 -13.54
N GLY A 125 6.59 9.66 -13.75
CA GLY A 125 7.06 8.28 -13.79
C GLY A 125 6.93 7.50 -12.49
N GLY A 126 6.34 8.14 -11.49
CA GLY A 126 6.09 7.48 -10.21
C GLY A 126 4.99 6.43 -10.29
N VAL A 127 4.94 5.64 -9.24
CA VAL A 127 3.99 4.53 -9.07
C VAL A 127 2.89 4.93 -8.12
N ILE A 128 1.67 4.49 -8.41
CA ILE A 128 0.49 4.83 -7.62
C ILE A 128 -0.08 3.61 -6.93
N THR A 129 -0.31 3.72 -5.63
CA THR A 129 -1.01 2.66 -4.88
C THR A 129 -2.10 3.26 -4.00
N ILE A 130 -3.21 2.55 -3.89
CA ILE A 130 -4.39 3.04 -3.21
C ILE A 130 -4.96 2.01 -2.25
N SER A 131 -5.17 2.45 -1.02
CA SER A 131 -5.86 1.67 0.00
C SER A 131 -7.23 2.27 0.26
N TRP A 132 -8.03 1.58 1.06
CA TRP A 132 -9.43 1.97 1.24
C TRP A 132 -10.00 1.57 2.59
N HIS A 133 -9.95 2.52 3.50
CA HIS A 133 -10.54 2.37 4.83
C HIS A 133 -12.03 2.63 4.70
N VAL A 134 -12.74 1.61 4.22
CA VAL A 134 -14.16 1.74 3.92
C VAL A 134 -14.95 1.91 5.21
N PHE A 135 -15.85 2.89 5.21
CA PHE A 135 -16.73 3.13 6.34
C PHE A 135 -17.68 1.94 6.52
N ASN A 136 -18.14 1.77 7.75
CA ASN A 136 -19.05 0.67 8.08
C ASN A 136 -20.45 1.00 7.55
N PRO A 137 -20.96 0.20 6.61
CA PRO A 137 -22.23 0.58 6.00
C PRO A 137 -23.42 0.37 6.94
N VAL A 138 -23.25 -0.52 7.91
CA VAL A 138 -24.37 -0.85 8.78
C VAL A 138 -24.61 0.27 9.78
N SER A 139 -23.53 0.79 10.34
CA SER A 139 -23.64 1.77 11.43
C SER A 139 -23.38 3.20 10.97
N GLY A 140 -22.65 3.34 9.88
CA GLY A 140 -22.24 4.66 9.41
C GLY A 140 -20.92 5.10 10.02
N GLY A 141 -20.43 4.27 10.94
CA GLY A 141 -19.13 4.51 11.59
C GLY A 141 -17.99 4.27 10.63
N ASN A 142 -16.77 4.44 11.11
CA ASN A 142 -15.57 4.25 10.27
C ASN A 142 -15.09 2.79 10.26
N SER A 143 -13.92 2.56 9.67
CA SER A 143 -13.45 1.19 9.48
C SER A 143 -13.19 0.46 10.79
N TRP A 144 -13.00 1.26 11.86
CA TRP A 144 -12.66 0.71 13.17
C TRP A 144 -13.91 0.42 14.00
N ASP A 145 -15.07 0.73 13.43
CA ASP A 145 -16.36 0.33 14.01
C ASP A 145 -16.57 -1.11 13.60
N LYS A 146 -16.58 -2.00 14.59
CA LYS A 146 -16.52 -3.44 14.34
C LYS A 146 -17.89 -4.09 14.14
N THR A 147 -18.94 -3.28 13.99
CA THR A 147 -20.27 -3.80 13.70
C THR A 147 -20.20 -4.71 12.48
N PRO A 148 -20.70 -5.95 12.59
CA PRO A 148 -20.56 -6.87 11.46
C PRO A 148 -21.24 -6.37 10.20
N ALA A 149 -20.53 -6.51 9.08
CA ALA A 149 -21.03 -6.07 7.79
C ALA A 149 -20.66 -6.96 6.60
N VAL A 150 -19.59 -7.75 6.71
CA VAL A 150 -19.13 -8.52 5.55
C VAL A 150 -20.19 -9.49 5.05
N HIS A 151 -20.79 -10.24 5.96
CA HIS A 151 -21.79 -11.25 5.58
C HIS A 151 -22.93 -10.59 4.80
N GLU A 152 -23.24 -9.37 5.18
CA GLU A 152 -24.34 -8.62 4.56
C GLU A 152 -23.96 -8.07 3.19
N LEU A 153 -22.66 -7.84 2.98
CA LEU A 153 -22.19 -7.16 1.78
C LEU A 153 -21.93 -8.10 0.59
N ILE A 154 -21.59 -9.34 0.89
CA ILE A 154 -21.16 -10.30 -0.12
C ILE A 154 -22.36 -10.76 -0.97
N PRO A 155 -22.09 -11.35 -2.14
CA PRO A 155 -23.22 -11.85 -2.94
C PRO A 155 -24.17 -12.69 -2.10
N GLY A 156 -25.45 -12.38 -2.23
CA GLY A 156 -26.51 -13.08 -1.51
C GLY A 156 -26.90 -12.39 -0.22
N GLY A 157 -26.03 -11.49 0.23
CA GLY A 157 -26.27 -10.72 1.45
C GLY A 157 -27.20 -9.54 1.21
N ALA A 158 -27.90 -9.13 2.26
CA ALA A 158 -28.94 -8.10 2.11
C ALA A 158 -28.38 -6.76 1.65
N ARG A 159 -27.12 -6.49 1.96
CA ARG A 159 -26.51 -5.20 1.59
C ARG A 159 -25.60 -5.34 0.37
N HIS A 160 -25.81 -6.38 -0.42
CA HIS A 160 -24.96 -6.56 -1.61
C HIS A 160 -25.05 -5.34 -2.54
N ALA A 161 -26.22 -4.72 -2.61
CA ALA A 161 -26.38 -3.51 -3.44
C ALA A 161 -25.46 -2.40 -2.96
N THR A 162 -25.21 -2.36 -1.66
CA THR A 162 -24.32 -1.35 -1.08
C THR A 162 -22.89 -1.58 -1.53
N LEU A 163 -22.46 -2.84 -1.55
CA LEU A 163 -21.10 -3.15 -1.98
C LEU A 163 -20.90 -2.69 -3.42
N LYS A 164 -21.88 -2.95 -4.27
CA LYS A 164 -21.78 -2.52 -5.66
C LYS A 164 -21.72 -0.99 -5.76
N ALA A 165 -22.56 -0.30 -5.01
CA ALA A 165 -22.58 1.16 -5.03
C ALA A 165 -21.25 1.73 -4.54
N TYR A 166 -20.70 1.10 -3.51
CA TYR A 166 -19.41 1.52 -2.97
C TYR A 166 -18.33 1.40 -4.05
N LEU A 167 -18.27 0.23 -4.68
CA LEU A 167 -17.24 -0.01 -5.68
C LEU A 167 -17.43 0.92 -6.88
N ASP A 168 -18.68 1.23 -7.18
CA ASP A 168 -18.99 2.14 -8.30
C ASP A 168 -18.34 3.51 -8.08
N THR A 169 -18.21 3.93 -6.83
CA THR A 169 -17.62 5.25 -6.58
C THR A 169 -16.13 5.24 -6.95
N PHE A 170 -15.48 4.10 -6.81
CA PHE A 170 -14.09 3.99 -7.24
C PHE A 170 -14.00 3.97 -8.77
N VAL A 171 -14.94 3.29 -9.41
CA VAL A 171 -14.97 3.29 -10.87
C VAL A 171 -15.03 4.74 -11.36
N ALA A 172 -15.87 5.54 -10.72
CA ALA A 172 -16.03 6.95 -11.12
C ALA A 172 -14.76 7.76 -10.85
N PHE A 173 -14.16 7.50 -9.70
CA PHE A 173 -12.90 8.17 -9.31
C PHE A 173 -11.83 7.88 -10.32
N ASN A 174 -11.73 6.62 -10.72
CA ASN A 174 -10.73 6.17 -11.70
C ASN A 174 -10.92 6.89 -13.05
N GLU A 175 -12.17 7.14 -13.43
CA GLU A 175 -12.43 7.88 -14.68
C GLU A 175 -11.83 9.27 -14.65
N GLY A 176 -11.79 9.85 -13.45
CA GLY A 176 -11.23 11.19 -13.26
C GLY A 176 -9.71 11.19 -13.26
N LEU A 177 -9.13 10.04 -13.59
CA LEU A 177 -7.68 9.92 -13.74
C LEU A 177 -7.28 9.77 -15.20
N ALA A 178 -8.28 9.64 -16.07
CA ALA A 178 -8.06 9.33 -17.48
C ALA A 178 -7.65 10.54 -18.30
N ASP A 179 -6.86 10.27 -19.31
CA ASP A 179 -6.62 11.22 -20.39
C ASP A 179 -6.96 10.55 -21.71
N VAL A 180 -7.18 11.36 -22.74
CA VAL A 180 -7.45 10.84 -24.07
C VAL A 180 -6.47 11.45 -25.05
N ASP A 181 -5.77 10.57 -25.78
CA ASP A 181 -4.71 11.00 -26.71
C ASP A 181 -5.26 11.46 -28.05
N ALA A 182 -4.34 11.80 -28.94
CA ALA A 182 -4.70 12.46 -30.20
C ALA A 182 -5.44 11.50 -31.11
N GLN A 183 -5.35 10.21 -30.80
CA GLN A 183 -5.99 9.17 -31.60
C GLN A 183 -7.32 8.77 -31.01
N GLY A 184 -7.66 9.39 -29.89
CA GLY A 184 -8.94 9.15 -29.23
C GLY A 184 -8.93 8.01 -28.24
N ASN A 185 -7.74 7.48 -28.00
CA ASN A 185 -7.56 6.40 -27.01
C ASN A 185 -7.42 6.92 -25.59
N LYS A 186 -8.10 6.23 -24.69
CA LYS A 186 -8.11 6.57 -23.26
C LYS A 186 -6.94 5.90 -22.56
N HIS A 187 -6.26 6.68 -21.73
CA HIS A 187 -5.14 6.18 -20.92
C HIS A 187 -5.36 6.48 -19.45
N TYR A 188 -4.87 5.58 -18.60
CA TYR A 188 -4.98 5.71 -17.17
C TYR A 188 -3.64 5.47 -16.49
N PRO A 189 -3.45 6.05 -15.30
CA PRO A 189 -2.33 5.58 -14.50
C PRO A 189 -2.62 4.17 -14.00
N PRO A 190 -1.65 3.25 -14.11
CA PRO A 190 -1.81 1.99 -13.38
C PRO A 190 -1.91 2.28 -11.89
N ILE A 191 -2.72 1.47 -11.22
CA ILE A 191 -2.90 1.58 -9.78
C ILE A 191 -2.70 0.23 -9.12
N ILE A 192 -1.83 0.20 -8.11
CA ILE A 192 -1.74 -0.97 -7.23
CA ILE A 192 -1.74 -0.97 -7.22
C ILE A 192 -2.83 -0.79 -6.16
N PHE A 193 -3.91 -1.50 -6.38
CA PHE A 193 -5.12 -1.42 -5.55
C PHE A 193 -5.01 -2.43 -4.42
N ARG A 194 -5.09 -1.94 -3.19
CA ARG A 194 -4.79 -2.72 -2.00
C ARG A 194 -5.95 -2.64 -1.01
N PRO A 195 -7.06 -3.36 -1.30
CA PRO A 195 -8.26 -3.28 -0.49
C PRO A 195 -8.28 -4.25 0.67
N TRP A 196 -9.19 -4.01 1.61
CA TRP A 196 -9.52 -4.98 2.65
C TRP A 196 -8.26 -5.48 3.35
N HIS A 197 -7.42 -4.54 3.71
CA HIS A 197 -6.09 -4.87 4.26
C HIS A 197 -6.08 -5.26 5.72
N GLU A 198 -5.01 -5.93 6.13
CA GLU A 198 -4.80 -6.29 7.54
C GLU A 198 -5.98 -7.08 8.09
N HIS A 199 -6.51 -7.92 7.24
CA HIS A 199 -7.74 -8.67 7.52
C HIS A 199 -7.54 -9.76 8.57
N ASN A 200 -6.28 -10.08 8.86
CA ASN A 200 -5.97 -11.07 9.90
C ASN A 200 -5.92 -10.43 11.28
N GLY A 201 -5.96 -9.10 11.30
CA GLY A 201 -6.15 -8.34 12.53
C GLY A 201 -7.63 -8.24 12.86
N ASP A 202 -7.94 -7.72 14.04
CA ASP A 202 -9.32 -7.66 14.52
C ASP A 202 -9.78 -6.23 14.70
N TRP A 203 -9.07 -5.30 14.09
CA TRP A 203 -9.34 -3.87 14.29
C TRP A 203 -10.30 -3.24 13.26
N PHE A 204 -10.39 -3.85 12.09
CA PHE A 204 -11.32 -3.40 11.06
C PHE A 204 -12.54 -4.33 11.03
N TRP A 205 -13.65 -3.80 10.55
CA TRP A 205 -14.87 -4.60 10.50
C TRP A 205 -14.81 -5.79 9.54
N TRP A 206 -13.85 -5.77 8.60
CA TRP A 206 -13.65 -6.92 7.71
C TRP A 206 -12.61 -7.89 8.26
N GLY A 207 -12.18 -7.64 9.49
CA GLY A 207 -11.14 -8.45 10.14
C GLY A 207 -11.62 -9.69 10.88
N LYS A 208 -10.64 -10.46 11.29
CA LYS A 208 -10.85 -11.69 12.06
C LYS A 208 -11.63 -11.34 13.32
N GLY A 209 -12.65 -12.15 13.60
CA GLY A 209 -13.54 -11.94 14.73
C GLY A 209 -14.82 -11.20 14.35
N HIS A 210 -14.81 -10.60 13.17
CA HIS A 210 -15.94 -9.78 12.71
C HIS A 210 -16.54 -10.27 11.41
N ALA A 211 -15.76 -11.10 10.74
CA ALA A 211 -16.16 -11.74 9.50
C ALA A 211 -15.55 -13.13 9.46
N SER A 212 -16.30 -14.08 8.96
CA SER A 212 -15.75 -15.43 8.76
C SER A 212 -14.71 -15.41 7.66
N GLU A 213 -13.78 -16.35 7.74
CA GLU A 213 -12.73 -16.45 6.73
C GLU A 213 -13.33 -16.63 5.35
N GLN A 214 -14.35 -17.47 5.26
CA GLN A 214 -14.95 -17.75 3.96
C GLN A 214 -15.66 -16.51 3.41
N ASP A 215 -16.29 -15.75 4.30
CA ASP A 215 -16.98 -14.52 3.88
C ASP A 215 -15.98 -13.47 3.42
N TYR A 216 -14.83 -13.40 4.09
CA TYR A 216 -13.78 -12.47 3.67
C TYR A 216 -13.33 -12.81 2.25
N ILE A 217 -13.13 -14.10 2.02
CA ILE A 217 -12.69 -14.55 0.70
C ILE A 217 -13.74 -14.20 -0.36
N ALA A 218 -15.01 -14.36 -0.01
CA ALA A 218 -16.08 -14.02 -0.94
C ALA A 218 -16.08 -12.52 -1.24
N LEU A 219 -15.79 -11.72 -0.23
CA LEU A 219 -15.75 -10.26 -0.38
C LEU A 219 -14.63 -9.87 -1.35
N TRP A 220 -13.46 -10.48 -1.14
CA TRP A 220 -12.31 -10.21 -1.99
C TRP A 220 -12.60 -10.63 -3.43
N ARG A 221 -13.09 -11.86 -3.59
CA ARG A 221 -13.32 -12.37 -4.94
C ARG A 221 -14.35 -11.53 -5.67
N PHE A 222 -15.39 -11.08 -4.96
CA PHE A 222 -16.38 -10.23 -5.60
C PHE A 222 -15.77 -8.91 -6.05
N THR A 223 -14.89 -8.37 -5.21
CA THR A 223 -14.26 -7.09 -5.51
C THR A 223 -13.50 -7.18 -6.83
N VAL A 224 -12.76 -8.27 -7.00
CA VAL A 224 -12.02 -8.49 -8.24
C VAL A 224 -12.96 -8.73 -9.42
N HIS A 225 -13.94 -9.60 -9.23
CA HIS A 225 -14.88 -9.86 -10.32
C HIS A 225 -15.57 -8.57 -10.76
N TYR A 226 -15.98 -7.78 -9.78
CA TYR A 226 -16.77 -6.59 -10.09
C TYR A 226 -15.92 -5.58 -10.85
N LEU A 227 -14.72 -5.31 -10.34
CA LEU A 227 -13.87 -4.29 -10.96
C LEU A 227 -13.25 -4.76 -12.27
N ARG A 228 -12.72 -5.98 -12.26
CA ARG A 228 -12.00 -6.51 -13.43
C ARG A 228 -12.96 -7.00 -14.52
N ASP A 229 -14.01 -7.69 -14.11
CA ASP A 229 -14.83 -8.42 -15.08
C ASP A 229 -16.13 -7.72 -15.41
N GLU A 230 -16.82 -7.18 -14.41
CA GLU A 230 -18.11 -6.52 -14.67
C GLU A 230 -17.89 -5.11 -15.21
N LYS A 231 -17.01 -4.36 -14.54
CA LYS A 231 -16.76 -2.96 -14.86
C LYS A 231 -15.59 -2.78 -15.84
N LYS A 232 -14.83 -3.85 -16.01
CA LYS A 232 -13.78 -3.92 -17.03
C LYS A 232 -12.69 -2.86 -16.86
N LEU A 233 -12.34 -2.59 -15.62
CA LEU A 233 -11.14 -1.79 -15.33
C LEU A 233 -9.92 -2.61 -15.70
N ARG A 234 -9.01 -1.97 -16.42
CA ARG A 234 -7.85 -2.64 -16.99
C ARG A 234 -6.52 -2.07 -16.49
N ASN A 235 -6.62 -1.14 -15.55
CA ASN A 235 -5.43 -0.44 -15.02
C ASN A 235 -5.13 -0.76 -13.57
N LEU A 236 -5.62 -1.90 -13.08
CA LEU A 236 -5.38 -2.32 -11.69
C LEU A 236 -4.45 -3.53 -11.56
N ILE A 237 -3.64 -3.44 -10.52
CA ILE A 237 -2.81 -4.51 -9.99
C ILE A 237 -3.25 -4.72 -8.55
N TYR A 238 -3.61 -5.95 -8.19
CA TYR A 238 -4.28 -6.22 -6.91
C TYR A 238 -3.29 -6.69 -5.86
N ALA A 239 -3.25 -5.97 -4.74
CA ALA A 239 -2.33 -6.25 -3.63
C ALA A 239 -3.04 -6.71 -2.38
N TYR A 240 -2.56 -7.84 -1.87
CA TYR A 240 -3.01 -8.53 -0.67
C TYR A 240 -2.06 -8.19 0.47
N SER A 241 -2.58 -7.84 1.64
CA SER A 241 -1.70 -7.32 2.71
C SER A 241 -2.12 -7.61 4.16
N PRO A 242 -1.87 -8.85 4.60
CA PRO A 242 -1.98 -9.17 6.02
C PRO A 242 -1.05 -8.34 6.87
N ASP A 243 -1.38 -8.26 8.15
CA ASP A 243 -0.51 -7.61 9.13
C ASP A 243 0.39 -8.62 9.83
N ARG A 244 1.67 -8.35 9.79
CA ARG A 244 2.67 -9.25 10.37
C ARG A 244 2.48 -9.43 11.87
N SER A 245 1.92 -8.43 12.53
CA SER A 245 1.82 -8.43 14.00
C SER A 245 0.86 -9.52 14.47
N ARG A 246 0.07 -10.06 13.57
CA ARG A 246 -0.90 -11.10 13.92
C ARG A 246 -0.62 -12.38 13.17
N ILE A 247 0.64 -12.53 12.76
CA ILE A 247 1.13 -13.78 12.20
C ILE A 247 2.11 -14.43 13.18
N ASP A 248 1.88 -15.71 13.43
CA ASP A 248 2.78 -16.54 14.24
C ASP A 248 4.02 -16.87 13.44
N MET A 249 5.15 -16.35 13.90
CA MET A 249 6.40 -16.49 13.15
C MET A 249 6.89 -17.94 13.07
N ALA A 250 6.31 -18.82 13.88
CA ALA A 250 6.68 -20.24 13.85
C ALA A 250 5.89 -20.97 12.77
N ASN A 251 4.90 -20.26 12.23
CA ASN A 251 3.99 -20.83 11.23
CA ASN A 251 3.96 -20.82 11.27
C ASN A 251 3.53 -19.72 10.30
N PHE A 252 4.51 -19.07 9.70
CA PHE A 252 4.29 -17.84 8.95
C PHE A 252 3.35 -18.04 7.77
N GLU A 253 3.60 -19.09 6.99
CA GLU A 253 2.84 -19.26 5.75
C GLU A 253 1.35 -19.47 6.03
N ALA A 254 1.06 -20.29 7.04
CA ALA A 254 -0.33 -20.54 7.41
C ALA A 254 -1.01 -19.26 7.86
N GLY A 255 -0.30 -18.44 8.61
CA GLY A 255 -0.86 -17.19 9.12
C GLY A 255 -1.06 -16.21 7.99
N TYR A 256 -0.09 -16.17 7.09
CA TYR A 256 -0.11 -15.24 5.96
C TYR A 256 -1.32 -15.54 5.08
N LEU A 257 -1.62 -16.83 4.95
CA LEU A 257 -2.63 -17.29 3.98
C LEU A 257 -4.03 -17.40 4.60
N TYR A 258 -4.17 -16.99 5.85
CA TYR A 258 -5.50 -16.83 6.43
C TYR A 258 -6.27 -15.83 5.57
N GLY A 259 -7.40 -16.25 5.03
CA GLY A 259 -8.23 -15.38 4.20
C GLY A 259 -7.70 -15.15 2.81
N TYR A 260 -6.67 -15.90 2.42
CA TYR A 260 -6.12 -15.74 1.06
C TYR A 260 -7.14 -16.18 0.00
N PRO A 261 -7.43 -15.31 -0.98
CA PRO A 261 -8.55 -15.59 -1.85
C PRO A 261 -8.23 -16.44 -3.07
N GLY A 262 -6.96 -16.72 -3.28
CA GLY A 262 -6.52 -17.50 -4.44
C GLY A 262 -5.65 -16.73 -5.40
N ASP A 263 -4.79 -17.47 -6.10
CA ASP A 263 -3.83 -16.88 -7.02
C ASP A 263 -4.50 -16.13 -8.17
N ALA A 264 -5.74 -16.48 -8.50
CA ALA A 264 -6.45 -15.83 -9.60
C ALA A 264 -7.03 -14.48 -9.17
N TYR A 265 -6.71 -14.08 -7.95
CA TYR A 265 -7.28 -12.88 -7.35
C TYR A 265 -6.26 -11.91 -6.77
N VAL A 266 -4.98 -12.25 -6.89
CA VAL A 266 -3.90 -11.47 -6.27
C VAL A 266 -2.71 -11.35 -7.20
N ASP A 267 -2.16 -10.14 -7.30
CA ASP A 267 -0.95 -9.86 -8.07
C ASP A 267 0.27 -9.59 -7.19
N ILE A 268 0.05 -8.89 -6.09
CA ILE A 268 1.14 -8.53 -5.19
CA ILE A 268 1.11 -8.48 -5.17
C ILE A 268 0.90 -9.14 -3.82
N ILE A 269 1.93 -9.84 -3.38
CA ILE A 269 1.99 -10.53 -2.10
C ILE A 269 2.62 -9.52 -1.13
N GLY A 270 1.73 -8.76 -0.51
CA GLY A 270 2.11 -7.65 0.37
C GLY A 270 2.09 -8.00 1.83
N LEU A 271 2.49 -7.03 2.65
CA LEU A 271 2.60 -7.23 4.09
C LEU A 271 2.69 -5.88 4.76
N ASP A 272 1.92 -5.72 5.81
CA ASP A 272 2.01 -4.55 6.67
C ASP A 272 2.79 -4.96 7.91
N ASN A 273 3.94 -4.34 8.11
CA ASN A 273 4.81 -4.69 9.23
C ASN A 273 5.41 -3.48 9.91
N TYR A 274 4.69 -2.97 10.90
CA TYR A 274 5.19 -1.93 11.79
C TYR A 274 5.81 -2.59 13.02
N TRP A 275 5.57 -3.88 13.18
CA TRP A 275 5.90 -4.57 14.42
C TRP A 275 7.39 -4.67 14.66
N ASP A 276 8.12 -5.07 13.62
CA ASP A 276 9.54 -5.39 13.70
C ASP A 276 10.42 -4.17 13.50
N VAL A 277 9.79 -3.00 13.45
CA VAL A 277 10.52 -1.73 13.26
C VAL A 277 10.25 -0.74 14.37
N GLY A 278 9.98 -1.27 15.56
CA GLY A 278 9.98 -0.46 16.78
C GLY A 278 8.62 -0.12 17.34
N HIS A 279 7.61 -0.89 16.97
CA HIS A 279 6.27 -0.67 17.52
C HIS A 279 6.33 -0.62 19.05
N GLU A 280 5.66 0.37 19.61
CA GLU A 280 5.76 0.66 21.04
C GLU A 280 5.34 -0.53 21.90
N ALA A 281 4.52 -1.40 21.35
CA ALA A 281 3.93 -2.50 22.11
C ALA A 281 4.78 -3.76 22.01
N ASN A 282 5.83 -3.69 21.19
CA ASN A 282 6.70 -4.84 20.96
C ASN A 282 7.89 -4.85 21.94
N THR A 283 7.91 -5.84 22.81
CA THR A 283 8.92 -5.89 23.88
C THR A 283 10.20 -6.55 23.42
N ALA A 284 10.20 -7.03 22.19
CA ALA A 284 11.39 -7.70 21.63
C ALA A 284 12.54 -6.72 21.52
N SER A 285 13.74 -7.20 21.76
CA SER A 285 14.96 -6.41 21.58
C SER A 285 15.16 -6.00 20.13
N ALA A 286 15.90 -4.93 19.95
CA ALA A 286 16.19 -4.40 18.61
C ALA A 286 16.77 -5.48 17.73
N ASP A 287 17.63 -6.31 18.30
CA ASP A 287 18.29 -7.36 17.52
C ASP A 287 17.30 -8.44 17.11
N GLU A 288 16.38 -8.78 18.00
CA GLU A 288 15.36 -9.79 17.67
CA GLU A 288 15.35 -9.77 17.70
C GLU A 288 14.40 -9.22 16.64
N GLN A 289 14.11 -7.93 16.74
CA GLN A 289 13.22 -7.26 15.77
C GLN A 289 13.85 -7.25 14.36
N LYS A 290 15.13 -6.93 14.30
CA LYS A 290 15.84 -6.91 13.02
C LYS A 290 15.78 -8.30 12.39
N ALA A 291 16.02 -9.32 13.20
CA ALA A 291 16.00 -10.70 12.69
C ALA A 291 14.59 -11.08 12.22
N ALA A 292 13.58 -10.61 12.93
CA ALA A 292 12.19 -10.92 12.58
C ALA A 292 11.78 -10.21 11.29
N LEU A 293 12.25 -8.99 11.11
CA LEU A 293 11.92 -8.25 9.89
C LEU A 293 12.47 -9.03 8.70
N THR A 294 13.73 -9.43 8.79
CA THR A 294 14.35 -10.17 7.70
C THR A 294 13.59 -11.47 7.44
N ALA A 295 13.26 -12.17 8.52
CA ALA A 295 12.59 -13.47 8.40
C ALA A 295 11.20 -13.31 7.77
N SER A 296 10.51 -12.26 8.16
CA SER A 296 9.15 -12.03 7.64
C SER A 296 9.20 -11.79 6.14
N LEU A 297 10.19 -11.03 5.70
CA LEU A 297 10.31 -10.67 4.27
C LEU A 297 10.84 -11.83 3.46
N LYS A 298 11.74 -12.60 4.05
CA LYS A 298 12.27 -13.80 3.41
C LYS A 298 11.11 -14.76 3.08
N GLN A 299 10.26 -14.97 4.06
CA GLN A 299 9.15 -15.92 3.90
C GLN A 299 8.09 -15.35 2.96
N LEU A 300 7.90 -14.04 3.03
CA LEU A 300 6.97 -13.35 2.12
C LEU A 300 7.41 -13.59 0.68
N VAL A 301 8.70 -13.40 0.43
CA VAL A 301 9.27 -13.58 -0.91
CA VAL A 301 9.26 -13.57 -0.91
C VAL A 301 9.19 -15.03 -1.36
N GLN A 302 9.41 -15.94 -0.43
CA GLN A 302 9.30 -17.37 -0.77
C GLN A 302 7.87 -17.71 -1.21
N ILE A 303 6.89 -17.13 -0.52
CA ILE A 303 5.49 -17.33 -0.90
C ILE A 303 5.23 -16.74 -2.29
N ALA A 304 5.70 -15.52 -2.51
CA ALA A 304 5.49 -14.88 -3.80
C ALA A 304 6.12 -15.70 -4.93
N ARG A 305 7.29 -16.25 -4.66
CA ARG A 305 8.05 -17.00 -5.66
C ARG A 305 7.26 -18.26 -6.04
N SER A 306 6.72 -18.91 -5.02
CA SER A 306 5.98 -20.16 -5.22
C SER A 306 4.73 -19.92 -6.06
N LYS A 307 4.21 -18.70 -5.96
CA LYS A 307 2.93 -18.35 -6.58
C LYS A 307 3.10 -17.57 -7.87
N GLY A 308 4.34 -17.26 -8.22
CA GLY A 308 4.60 -16.48 -9.44
C GLY A 308 4.16 -15.04 -9.35
N LYS A 309 4.26 -14.47 -8.16
CA LYS A 309 3.84 -13.10 -7.90
C LYS A 309 5.04 -12.24 -7.51
N ILE A 310 4.76 -11.02 -7.11
CA ILE A 310 5.77 -10.07 -6.65
CA ILE A 310 5.76 -10.06 -6.66
C ILE A 310 5.43 -9.69 -5.22
N ALA A 311 6.44 -9.65 -4.37
CA ALA A 311 6.25 -9.28 -2.96
C ALA A 311 6.61 -7.83 -2.71
N ALA A 312 6.00 -7.27 -1.67
CA ALA A 312 6.27 -5.88 -1.28
C ALA A 312 5.94 -5.66 0.18
N LEU A 313 6.67 -4.75 0.81
CA LEU A 313 6.37 -4.30 2.16
C LEU A 313 5.47 -3.07 2.02
N THR A 314 4.17 -3.33 2.08
CA THR A 314 3.16 -2.36 1.66
C THR A 314 2.84 -1.28 2.71
N GLU A 315 3.15 -1.56 3.97
CA GLU A 315 3.13 -0.54 5.03
C GLU A 315 4.17 -0.87 6.07
N THR A 316 4.88 0.17 6.49
CA THR A 316 5.83 0.06 7.59
C THR A 316 6.20 1.45 8.08
N GLY A 317 7.09 1.48 9.07
CA GLY A 317 7.59 2.74 9.59
C GLY A 317 7.64 2.80 11.10
N ASN A 318 8.39 3.78 11.57
CA ASN A 318 8.54 4.09 12.99
C ASN A 318 7.87 5.42 13.26
N ASN A 319 6.72 5.38 13.92
CA ASN A 319 5.94 6.59 14.17
C ASN A 319 6.75 7.60 14.96
N ARG A 320 6.88 8.79 14.40
CA ARG A 320 7.61 9.93 15.00
C ARG A 320 9.12 9.75 14.94
N LEU A 321 9.56 8.68 14.28
CA LEU A 321 10.99 8.52 13.92
C LEU A 321 11.90 8.82 15.10
N THR A 322 11.69 8.03 16.14
CA THR A 322 12.39 8.19 17.42
C THR A 322 13.63 7.33 17.50
N ILE A 323 13.82 6.46 16.52
CA ILE A 323 14.93 5.51 16.50
C ILE A 323 16.10 6.05 15.71
N ASP A 324 17.26 6.17 16.37
CA ASP A 324 18.49 6.62 15.72
CA ASP A 324 18.47 6.65 15.71
C ASP A 324 18.82 5.79 14.50
N ASN A 325 19.11 6.46 13.40
CA ASN A 325 19.49 5.79 12.15
C ASN A 325 18.47 4.75 11.75
N PHE A 326 17.21 5.08 11.94
CA PHE A 326 16.13 4.16 11.63
C PHE A 326 16.24 3.59 10.22
N TRP A 327 16.49 4.47 9.27
CA TRP A 327 16.37 4.13 7.85
C TRP A 327 17.40 3.11 7.43
N THR A 328 18.65 3.35 7.81
CA THR A 328 19.73 2.49 7.38
C THR A 328 19.87 1.25 8.28
N GLU A 329 19.62 1.43 9.57
CA GLU A 329 19.89 0.35 10.53
C GLU A 329 18.68 -0.55 10.79
N ARG A 330 17.48 -0.01 10.71
CA ARG A 330 16.29 -0.77 11.10
C ARG A 330 15.43 -1.18 9.92
N LEU A 331 15.59 -0.49 8.80
CA LEU A 331 14.82 -0.81 7.60
C LEU A 331 15.71 -1.40 6.51
N LEU A 332 16.61 -0.59 5.95
CA LEU A 332 17.44 -1.06 4.84
C LEU A 332 18.36 -2.21 5.21
N GLY A 333 19.00 -2.10 6.37
CA GLY A 333 19.94 -3.13 6.81
C GLY A 333 19.31 -4.52 6.82
N PRO A 334 18.21 -4.68 7.57
CA PRO A 334 17.62 -6.02 7.64
C PRO A 334 17.06 -6.53 6.31
N ILE A 335 16.65 -5.63 5.43
CA ILE A 335 16.14 -6.05 4.12
C ILE A 335 17.31 -6.56 3.27
N SER A 336 18.42 -5.86 3.34
CA SER A 336 19.58 -6.12 2.48
C SER A 336 20.42 -7.29 2.99
N ALA A 337 20.12 -7.75 4.20
CA ALA A 337 20.93 -8.78 4.87
C ALA A 337 20.73 -10.16 4.26
N ASP A 338 19.62 -10.32 3.56
CA ASP A 338 19.18 -11.61 3.03
C ASP A 338 18.67 -11.42 1.61
N ALA A 339 19.18 -12.22 0.68
CA ALA A 339 18.93 -12.01 -0.75
C ALA A 339 17.50 -12.32 -1.10
N ASP A 340 16.85 -13.16 -0.30
CA ASP A 340 15.42 -13.44 -0.48
C ASP A 340 14.61 -12.23 -0.01
N ALA A 341 14.88 -11.79 1.21
CA ALA A 341 14.18 -10.63 1.76
C ALA A 341 14.31 -9.44 0.82
N SER A 342 15.47 -9.31 0.21
CA SER A 342 15.78 -8.15 -0.65
CA SER A 342 15.76 -8.14 -0.63
C SER A 342 14.96 -8.14 -1.92
N GLU A 343 14.32 -9.25 -2.24
CA GLU A 343 13.57 -9.36 -3.50
C GLU A 343 12.19 -8.72 -3.46
N ILE A 344 11.84 -8.10 -2.34
CA ILE A 344 10.65 -7.23 -2.32
C ILE A 344 10.87 -6.09 -3.31
N ALA A 345 9.80 -5.65 -3.94
CA ALA A 345 9.89 -4.64 -4.99
C ALA A 345 9.86 -3.20 -4.46
N TYR A 346 9.13 -3.02 -3.37
CA TYR A 346 8.99 -1.69 -2.78
C TYR A 346 8.66 -1.77 -1.30
N VAL A 347 8.86 -0.62 -0.66
CA VAL A 347 8.56 -0.43 0.76
C VAL A 347 7.90 0.93 0.90
N MET A 348 6.71 0.95 1.51
CA MET A 348 5.99 2.21 1.73
C MET A 348 5.81 2.49 3.20
N VAL A 349 6.09 3.74 3.57
CA VAL A 349 5.83 4.21 4.93
C VAL A 349 4.61 5.10 4.96
N TRP A 350 4.01 5.17 6.13
CA TRP A 350 2.71 5.84 6.29
C TRP A 350 2.84 7.37 6.32
N ARG A 351 1.70 8.00 6.49
CA ARG A 351 1.55 9.44 6.23
C ARG A 351 2.17 10.35 7.27
N ASN A 352 2.45 11.57 6.84
CA ASN A 352 2.99 12.62 7.70
C ASN A 352 1.86 13.57 8.07
N ALA A 353 1.08 13.13 9.05
CA ALA A 353 -0.12 13.88 9.44
C ALA A 353 0.19 15.32 9.80
N ASN A 354 -0.67 16.22 9.34
CA ASN A 354 -0.53 17.64 9.60
C ASN A 354 -0.87 17.95 11.05
N LEU A 355 0.10 18.49 11.76
CA LEU A 355 0.02 18.67 13.21
C LEU A 355 -1.09 19.64 13.58
N ALA A 356 -1.11 20.75 12.85
CA ALA A 356 -1.96 21.90 13.21
C ALA A 356 -3.41 21.55 13.02
N ARG A 357 -3.62 20.46 12.30
CA ARG A 357 -4.94 19.99 11.92
C ARG A 357 -5.35 18.80 12.77
N GLU A 358 -4.40 17.91 13.01
CA GLU A 358 -4.66 16.58 13.59
C GLU A 358 -4.44 16.50 15.11
N LYS A 359 -3.76 17.50 15.64
CA LYS A 359 -3.62 17.70 17.09
C LYS A 359 -2.63 16.75 17.75
N SER A 360 -2.00 15.90 16.96
CA SER A 360 -0.91 15.11 17.49
C SER A 360 0.13 14.78 16.47
N GLU A 361 1.27 14.36 16.98
CA GLU A 361 2.40 14.03 16.13
C GLU A 361 2.26 12.61 15.66
N GLN A 362 2.13 12.50 14.34
CA GLN A 362 2.12 11.22 13.68
C GLN A 362 2.77 11.40 12.34
N PHE A 363 3.89 10.71 12.15
CA PHE A 363 4.62 10.82 10.89
C PHE A 363 5.60 9.69 10.75
N PHE A 364 5.89 9.33 9.51
CA PHE A 364 6.73 8.17 9.23
C PHE A 364 7.86 8.47 8.26
N ALA A 365 7.81 9.63 7.61
CA ALA A 365 8.96 10.15 6.87
C ALA A 365 9.45 11.40 7.59
N PRO A 366 10.74 11.73 7.47
CA PRO A 366 11.15 12.95 8.13
C PRO A 366 10.70 14.20 7.41
N PHE A 367 10.99 15.31 8.09
CA PHE A 367 10.86 16.63 7.51
C PHE A 367 12.15 17.36 7.88
N PRO A 368 12.42 18.51 7.24
CA PRO A 368 13.69 19.16 7.55
C PRO A 368 13.87 19.45 9.04
N GLY A 369 15.02 19.04 9.56
CA GLY A 369 15.37 19.30 10.95
C GLY A 369 15.02 18.14 11.85
N GLN A 370 14.23 17.20 11.34
CA GLN A 370 13.88 16.01 12.12
C GLN A 370 15.13 15.15 12.31
N ALA A 371 15.19 14.45 13.44
CA ALA A 371 16.44 13.79 13.85
C ALA A 371 16.96 12.77 12.86
N THR A 372 16.06 12.12 12.11
CA THR A 372 16.48 11.04 11.20
C THR A 372 16.65 11.54 9.77
N ALA A 373 16.60 12.86 9.58
CA ALA A 373 16.67 13.42 8.23
C ALA A 373 17.97 13.03 7.49
N ASP A 374 19.10 13.13 8.16
CA ASP A 374 20.36 12.79 7.50
C ASP A 374 20.43 11.30 7.16
N ASP A 375 19.92 10.47 8.06
CA ASP A 375 19.91 9.04 7.80
C ASP A 375 18.95 8.69 6.66
N PHE A 376 17.90 9.50 6.52
CA PHE A 376 16.95 9.34 5.40
C PHE A 376 17.64 9.74 4.10
N LYS A 377 18.47 10.76 4.15
CA LYS A 377 19.28 11.12 2.99
C LYS A 377 20.18 9.95 2.61
N ARG A 378 20.77 9.28 3.59
CA ARG A 378 21.60 8.11 3.31
C ARG A 378 20.78 6.98 2.65
N PHE A 379 19.57 6.79 3.15
CA PHE A 379 18.64 5.80 2.61
C PHE A 379 18.37 6.10 1.13
N TYR A 380 18.05 7.35 0.84
CA TYR A 380 17.88 7.83 -0.53
C TYR A 380 19.14 7.60 -1.37
N GLN A 381 20.28 7.90 -0.78
CA GLN A 381 21.56 7.83 -1.49
C GLN A 381 21.99 6.41 -1.82
N SER A 382 21.45 5.45 -1.08
CA SER A 382 21.74 4.02 -1.34
C SER A 382 21.44 3.71 -2.78
N GLU A 383 22.36 2.99 -3.41
CA GLU A 383 22.16 2.58 -4.81
C GLU A 383 20.95 1.66 -4.92
N VAL A 384 20.68 0.89 -3.87
CA VAL A 384 19.56 -0.07 -3.88
C VAL A 384 18.22 0.65 -3.92
N VAL A 385 18.10 1.70 -3.11
CA VAL A 385 16.81 2.37 -2.92
C VAL A 385 16.55 3.41 -4.01
N LEU A 386 15.40 3.29 -4.66
CA LEU A 386 15.02 4.23 -5.71
C LEU A 386 13.90 5.16 -5.27
N PHE A 387 14.16 6.45 -5.44
CA PHE A 387 13.13 7.48 -5.33
C PHE A 387 12.72 7.86 -6.76
N GLU A 388 11.80 8.81 -6.90
CA GLU A 388 11.20 9.10 -8.19
C GLU A 388 12.25 9.50 -9.23
N ASP A 389 13.25 10.24 -8.77
CA ASP A 389 14.26 10.84 -9.66
C ASP A 389 15.24 9.83 -10.21
N GLU A 390 15.15 8.61 -9.70
CA GLU A 390 16.10 7.55 -10.00
C GLU A 390 15.46 6.41 -10.78
N LEU A 391 14.16 6.52 -11.02
CA LEU A 391 13.44 5.42 -11.66
C LEU A 391 13.74 5.32 -13.14
N PRO A 392 13.90 4.09 -13.63
CA PRO A 392 13.89 3.91 -15.07
C PRO A 392 12.47 4.07 -15.58
N PRO A 393 12.27 4.09 -16.89
CA PRO A 393 10.91 4.21 -17.41
C PRO A 393 10.11 2.94 -17.16
N LEU A 394 9.14 3.02 -16.25
CA LEU A 394 8.43 1.83 -15.77
C LEU A 394 7.27 1.42 -16.66
N TYR A 395 6.85 2.32 -17.55
CA TYR A 395 5.56 2.16 -18.22
C TYR A 395 5.71 1.84 -19.69
N ARG A 396 6.94 1.43 -19.97
CA ARG A 396 7.49 1.03 -21.27
C ARG A 396 7.96 2.01 -22.29
#